data_6QB6
#
_entry.id   6QB6
#
_cell.length_a   148.050
_cell.length_b   42.460
_cell.length_c   106.230
_cell.angle_alpha   90.00
_cell.angle_beta   113.19
_cell.angle_gamma   90.00
#
_symmetry.space_group_name_H-M   'C 1 2 1'
#
loop_
_entity.id
_entity.type
_entity.pdbx_description
1 polymer 'Induced myeloid leukemia cell differentiation protein Mcl-1'
2 polymer 'Fab Heavy Chain'
3 polymer 'Fab Light Chain'
4 water water
#
loop_
_entity_poly.entity_id
_entity_poly.type
_entity_poly.pdbx_seq_one_letter_code
_entity_poly.pdbx_strand_id
1 'polypeptide(L)'
;GPLGSEDDLYRQSLEIISRYLREQATGSKDSKPLGEAGAAGRRALETLRRVGDGVQRNHETAFQGMLRKLDIKNEDDVKS
LSRVMIHVFSDGVTNWGRIVTLISFGAFVAKHLKTINQESCIEPLAESITDVLVRTKRDWLVKQRGWDGFVEFFHVEDLE
GG
;
A
2 'polypeptide(L)'
;QVTLKESGGGLVKPGGSLRLSCAASGFTFSSYSMNWVRQAPGKGLEWVSSISSSSSYIYYADSVKGRFTISRDNAKNSLY
LQMNSLRAEDTAVYYCARQVGATWAFDIWGQGTLVTVSAAKTTPPSVYPLAPGSAAQTNSMVTLGCLVKGYFPEPVTVTW
NSGSLSSGVHTFPAVLQSDLYTLSSSVTVPSSPRPSETVTCNVAHPASSTKVDKKIVPRDCAAAENLYFQ
;
H
3 'polypeptide(L)'
;QSVLTQPPSASGTPGQRVTISCSGSSSNIGSNTVNWYQQLPGTAPKLLIYSNNQRPSGVPDRFSGSKSGTSASLAISGLQ
SEDEADYYCAAWDDSLNAWVFGGGTKLTVLGESEGQPKSSPSVTLFPPSSEELETNKATLVCTITDFYPGVVTVDWKVDG
TPVTQGMETTQPSKQSNNKYMASSYLTLTARAWERHSSYSCQVTHEGHTVEKSLSRADCS
;
L
#
# COMPACT_ATOMS: atom_id res chain seq x y z
N GLY A 1 38.58 11.44 11.78
CA GLY A 1 37.89 10.72 10.71
C GLY A 1 37.85 11.48 9.39
N PRO A 2 36.75 11.39 8.60
CA PRO A 2 36.70 12.12 7.32
C PRO A 2 36.23 13.56 7.45
N LEU A 3 36.63 14.44 6.50
CA LEU A 3 36.20 15.85 6.48
C LEU A 3 34.69 15.90 6.34
N GLY A 4 34.07 16.84 7.04
CA GLY A 4 32.62 17.02 6.98
C GLY A 4 32.13 17.26 5.56
N SER A 5 32.87 18.11 4.80
CA SER A 5 32.64 18.49 3.39
C SER A 5 32.63 17.29 2.43
N GLU A 6 33.09 16.12 2.91
CA GLU A 6 33.02 14.88 2.12
C GLU A 6 31.55 14.39 2.01
N ASP A 7 30.72 14.84 2.95
CA ASP A 7 29.29 14.51 3.10
C ASP A 7 28.44 15.57 2.37
N ASP A 8 27.66 15.15 1.37
CA ASP A 8 26.78 16.04 0.58
C ASP A 8 25.71 16.73 1.46
N LEU A 9 25.17 16.03 2.45
CA LEU A 9 24.16 16.61 3.33
C LEU A 9 24.78 17.73 4.21
N TYR A 10 26.00 17.49 4.72
CA TYR A 10 26.77 18.48 5.46
C TYR A 10 26.99 19.73 4.60
N ARG A 11 27.50 19.58 3.35
CA ARG A 11 27.73 20.73 2.46
C ARG A 11 26.45 21.49 2.15
N GLN A 12 25.36 20.77 1.88
CA GLN A 12 24.07 21.38 1.58
C GLN A 12 23.52 22.14 2.81
N SER A 13 23.66 21.58 4.02
CA SER A 13 23.19 22.20 5.26
C SER A 13 24.02 23.44 5.57
N LEU A 14 25.35 23.36 5.35
CA LEU A 14 26.27 24.46 5.56
C LEU A 14 25.89 25.65 4.67
N GLU A 15 25.57 25.40 3.40
CA GLU A 15 25.20 26.44 2.46
C GLU A 15 23.88 27.13 2.84
N ILE A 16 22.83 26.36 3.23
CA ILE A 16 21.52 26.90 3.62
C ILE A 16 21.65 27.76 4.90
N ILE A 17 22.33 27.23 5.93
CA ILE A 17 22.52 27.92 7.20
C ILE A 17 23.39 29.20 7.02
N SER A 18 24.55 29.08 6.31
CA SER A 18 25.39 30.26 6.01
C SER A 18 24.62 31.34 5.30
N ARG A 19 23.84 30.99 4.23
CA ARG A 19 23.03 31.98 3.51
C ARG A 19 22.04 32.60 4.46
N TYR A 20 21.41 31.77 5.34
CA TYR A 20 20.42 32.26 6.27
C TYR A 20 21.00 33.23 7.30
N LEU A 21 22.06 32.85 8.03
CA LEU A 21 22.69 33.72 9.04
C LEU A 21 23.20 35.05 8.45
N ARG A 22 23.82 34.99 7.26
CA ARG A 22 24.32 36.15 6.52
C ARG A 22 23.22 37.18 6.21
N GLU A 23 22.14 36.77 5.49
CA GLU A 23 21.06 37.68 5.12
C GLU A 23 20.31 38.23 6.35
N GLN A 24 20.31 37.49 7.46
CA GLN A 24 19.68 37.96 8.70
C GLN A 24 20.50 39.09 9.34
N ALA A 25 21.84 39.01 9.25
CA ALA A 25 22.77 40.00 9.80
C ALA A 25 22.96 41.22 8.88
N THR A 26 23.05 40.99 7.56
CA THR A 26 23.28 42.01 6.52
C THR A 26 22.00 42.74 6.12
N GLY A 27 20.86 42.05 6.23
CA GLY A 27 19.56 42.59 5.84
C GLY A 27 19.30 42.50 4.35
N SER A 28 20.29 41.97 3.59
CA SER A 28 20.26 41.84 2.13
C SER A 28 20.38 40.39 1.66
N LYS A 29 19.44 39.96 0.80
CA LYS A 29 19.39 38.62 0.22
C LYS A 29 20.50 38.41 -0.82
N ASP A 30 21.02 37.17 -0.91
CA ASP A 30 22.06 36.80 -1.89
C ASP A 30 21.41 36.32 -3.20
N SER A 31 21.75 36.99 -4.32
CA SER A 31 21.25 36.74 -5.68
C SER A 31 21.98 35.60 -6.40
N LYS A 32 23.30 35.46 -6.17
CA LYS A 32 24.13 34.44 -6.81
C LYS A 32 23.58 32.99 -6.52
N PRO A 33 23.70 32.05 -7.49
CA PRO A 33 23.10 30.72 -7.29
C PRO A 33 23.72 29.87 -6.19
N LEU A 34 22.91 28.95 -5.63
CA LEU A 34 23.37 27.99 -4.64
C LEU A 34 24.19 26.95 -5.39
N GLY A 35 25.36 26.65 -4.85
CA GLY A 35 26.27 25.67 -5.43
C GLY A 35 25.77 24.27 -5.22
N GLU A 36 25.39 23.94 -3.97
CA GLU A 36 24.87 22.63 -3.58
C GLU A 36 23.38 22.49 -3.96
N ALA A 37 22.54 22.17 -2.96
CA ALA A 37 21.09 21.96 -2.97
C ALA A 37 20.37 22.24 -4.32
N GLY A 38 20.38 23.49 -4.78
CA GLY A 38 19.76 23.92 -6.04
C GLY A 38 18.35 24.44 -5.80
N ALA A 39 17.36 23.75 -6.36
CA ALA A 39 15.96 24.11 -6.17
C ALA A 39 15.47 23.70 -4.75
N ALA A 40 16.06 22.62 -4.18
CA ALA A 40 15.76 22.12 -2.84
C ALA A 40 16.22 23.14 -1.76
N GLY A 41 17.45 23.64 -1.89
CA GLY A 41 17.99 24.65 -0.97
C GLY A 41 17.24 25.97 -1.07
N ARG A 42 16.79 26.32 -2.29
CA ARG A 42 16.01 27.52 -2.61
C ARG A 42 14.65 27.44 -1.88
N ARG A 43 14.01 26.25 -1.89
CA ARG A 43 12.74 26.03 -1.17
C ARG A 43 12.95 26.06 0.31
N ALA A 44 14.03 25.41 0.82
CA ALA A 44 14.40 25.34 2.26
C ALA A 44 14.63 26.73 2.83
N LEU A 45 15.28 27.61 2.02
CA LEU A 45 15.52 29.02 2.39
C LEU A 45 14.23 29.82 2.54
N GLU A 46 13.27 29.62 1.64
CA GLU A 46 11.97 30.27 1.69
C GLU A 46 11.27 29.89 3.00
N THR A 47 11.23 28.56 3.33
CA THR A 47 10.62 28.03 4.56
C THR A 47 11.33 28.56 5.78
N LEU A 48 12.67 28.45 5.81
CA LEU A 48 13.50 28.95 6.91
C LEU A 48 13.27 30.46 7.19
N ARG A 49 13.06 31.31 6.16
CA ARG A 49 12.77 32.74 6.34
C ARG A 49 11.42 32.93 7.04
N ARG A 50 10.36 32.26 6.54
CA ARG A 50 9.01 32.30 7.09
C ARG A 50 8.96 31.81 8.54
N VAL A 51 9.43 30.59 8.79
CA VAL A 51 9.38 29.92 10.08
C VAL A 51 10.37 30.52 11.09
N GLY A 52 11.58 30.84 10.62
CA GLY A 52 12.68 31.38 11.40
C GLY A 52 12.41 32.71 12.08
N ASP A 53 11.77 33.64 11.35
CA ASP A 53 11.45 34.96 11.88
C ASP A 53 10.41 34.90 12.99
N GLY A 54 9.52 33.92 12.93
CA GLY A 54 8.52 33.66 13.95
C GLY A 54 9.10 33.04 15.21
N VAL A 55 10.05 32.09 15.05
CA VAL A 55 10.73 31.37 16.16
C VAL A 55 11.62 32.35 16.95
N GLN A 56 12.25 33.34 16.27
CA GLN A 56 13.09 34.37 16.88
C GLN A 56 12.28 35.29 17.81
N ARG A 57 11.01 35.56 17.46
CA ARG A 57 10.06 36.37 18.24
C ARG A 57 9.55 35.59 19.47
N ASN A 58 9.07 34.35 19.26
CA ASN A 58 8.53 33.48 20.30
C ASN A 58 9.62 32.92 21.26
N HIS A 59 10.91 32.99 20.88
CA HIS A 59 12.02 32.55 21.72
C HIS A 59 12.94 33.71 22.17
N GLU A 60 12.56 34.98 21.83
CA GLU A 60 13.29 36.23 22.15
C GLU A 60 13.87 36.29 23.57
N THR A 61 13.00 36.12 24.61
CA THR A 61 13.36 36.16 26.04
C THR A 61 14.44 35.10 26.36
N ALA A 62 14.21 33.84 25.91
CA ALA A 62 15.13 32.72 26.09
C ALA A 62 16.45 32.94 25.33
N PHE A 63 16.38 33.51 24.11
CA PHE A 63 17.52 33.81 23.24
C PHE A 63 18.42 34.87 23.85
N GLN A 64 17.83 36.04 24.20
CA GLN A 64 18.53 37.18 24.80
C GLN A 64 19.21 36.79 26.12
N GLY A 65 18.56 35.93 26.89
CA GLY A 65 19.05 35.40 28.16
C GLY A 65 20.26 34.50 27.98
N MET A 66 20.17 33.53 27.04
CA MET A 66 21.24 32.59 26.71
C MET A 66 22.47 33.29 26.14
N LEU A 67 22.24 34.41 25.41
CA LEU A 67 23.25 35.29 24.82
C LEU A 67 24.07 35.94 25.95
N ARG A 68 23.39 36.30 27.06
CA ARG A 68 23.97 36.92 28.25
C ARG A 68 24.78 35.94 29.09
N LYS A 69 24.28 34.68 29.26
CA LYS A 69 24.98 33.64 30.03
C LYS A 69 26.29 33.21 29.35
N LEU A 70 26.37 33.40 28.02
CA LEU A 70 27.54 33.09 27.21
C LEU A 70 28.37 34.35 26.93
N ASP A 71 27.76 35.55 27.10
CA ASP A 71 28.32 36.91 26.92
C ASP A 71 29.33 36.97 25.77
N ILE A 72 28.82 36.89 24.54
CA ILE A 72 29.62 36.89 23.31
C ILE A 72 30.08 38.32 22.98
N LYS A 73 31.40 38.49 22.75
CA LYS A 73 32.05 39.77 22.43
C LYS A 73 33.25 39.61 21.47
N ASN A 74 33.79 38.38 21.33
CA ASN A 74 34.93 38.07 20.46
C ASN A 74 34.83 36.68 19.79
N GLU A 75 35.89 36.28 19.05
CA GLU A 75 36.02 35.02 18.33
C GLU A 75 36.04 33.78 19.26
N ASP A 76 36.83 33.85 20.37
CA ASP A 76 36.98 32.74 21.33
C ASP A 76 35.69 32.39 22.09
N ASP A 77 34.69 33.32 22.12
CA ASP A 77 33.40 33.08 22.77
C ASP A 77 32.53 32.13 21.94
N VAL A 78 32.80 32.05 20.62
CA VAL A 78 32.13 31.15 19.67
C VAL A 78 32.63 29.69 19.90
N LYS A 79 33.89 29.54 20.38
CA LYS A 79 34.52 28.24 20.68
C LYS A 79 33.82 27.52 21.85
N SER A 80 33.41 28.29 22.88
CA SER A 80 32.71 27.78 24.07
C SER A 80 31.18 27.65 23.84
N LEU A 81 30.65 28.32 22.80
CA LEU A 81 29.24 28.28 22.40
C LEU A 81 28.85 26.91 21.82
N SER A 82 29.76 26.32 21.00
CA SER A 82 29.60 25.02 20.36
C SER A 82 29.32 23.90 21.37
N ARG A 83 30.20 23.74 22.39
CA ARG A 83 30.09 22.71 23.43
C ARG A 83 28.81 22.85 24.30
N VAL A 84 28.23 24.06 24.35
CA VAL A 84 26.97 24.31 25.07
C VAL A 84 25.85 23.77 24.19
N MET A 85 25.85 24.21 22.90
CA MET A 85 24.89 23.82 21.85
C MET A 85 24.84 22.31 21.64
N ILE A 86 26.01 21.62 21.66
CA ILE A 86 26.12 20.17 21.45
C ILE A 86 25.38 19.40 22.55
N HIS A 87 25.70 19.67 23.83
CA HIS A 87 25.08 19.00 25.00
C HIS A 87 23.56 19.18 25.07
N VAL A 88 23.06 20.43 24.91
CA VAL A 88 21.65 20.79 24.98
C VAL A 88 20.82 20.16 23.84
N PHE A 89 21.38 20.15 22.60
CA PHE A 89 20.74 19.64 21.39
C PHE A 89 20.69 18.11 21.29
N SER A 90 21.70 17.43 21.83
CA SER A 90 21.81 15.97 21.83
C SER A 90 20.84 15.33 22.85
N ASP A 91 20.47 16.12 23.89
CA ASP A 91 19.56 15.75 24.97
C ASP A 91 18.15 15.48 24.47
N GLY A 92 17.70 14.23 24.65
CA GLY A 92 16.36 13.78 24.31
C GLY A 92 16.02 13.58 22.84
N VAL A 93 14.73 13.81 22.53
CA VAL A 93 14.07 13.63 21.24
C VAL A 93 14.31 14.82 20.30
N THR A 94 14.72 14.49 19.06
CA THR A 94 14.96 15.45 17.99
C THR A 94 13.63 15.69 17.29
N ASN A 95 13.44 16.93 16.81
CA ASN A 95 12.28 17.30 16.01
C ASN A 95 12.61 18.53 15.21
N TRP A 96 11.83 18.82 14.16
CA TRP A 96 12.10 19.93 13.27
C TRP A 96 12.07 21.29 13.97
N GLY A 97 11.24 21.38 15.02
CA GLY A 97 11.09 22.56 15.86
C GLY A 97 12.36 22.91 16.61
N ARG A 98 13.00 21.89 17.23
CA ARG A 98 14.26 22.03 17.96
C ARG A 98 15.40 22.41 17.02
N ILE A 99 15.36 21.89 15.80
CA ILE A 99 16.35 22.16 14.75
C ILE A 99 16.17 23.63 14.26
N VAL A 100 14.92 24.03 13.98
CA VAL A 100 14.62 25.38 13.49
C VAL A 100 14.87 26.42 14.62
N THR A 101 14.81 25.99 15.91
CA THR A 101 15.14 26.83 17.05
C THR A 101 16.67 27.08 17.10
N LEU A 102 17.48 26.03 16.86
CA LEU A 102 18.95 26.11 16.81
C LEU A 102 19.44 27.08 15.72
N ILE A 103 18.83 27.00 14.52
CA ILE A 103 19.18 27.86 13.38
C ILE A 103 18.77 29.29 13.67
N SER A 104 17.58 29.46 14.31
CA SER A 104 17.05 30.77 14.72
C SER A 104 17.99 31.46 15.73
N PHE A 105 18.49 30.70 16.70
CA PHE A 105 19.42 31.23 17.69
C PHE A 105 20.69 31.77 17.03
N GLY A 106 21.26 31.04 16.05
CA GLY A 106 22.42 31.45 15.29
C GLY A 106 22.18 32.72 14.50
N ALA A 107 20.98 32.88 13.89
CA ALA A 107 20.59 34.10 13.18
C ALA A 107 20.57 35.31 14.15
N PHE A 108 20.14 35.05 15.41
CA PHE A 108 20.09 35.99 16.53
C PHE A 108 21.54 36.35 16.93
N VAL A 109 22.41 35.33 17.11
CA VAL A 109 23.82 35.50 17.45
C VAL A 109 24.59 36.26 16.34
N ALA A 110 24.23 36.06 15.06
CA ALA A 110 24.84 36.73 13.89
C ALA A 110 24.44 38.21 13.80
N LYS A 111 23.20 38.55 14.23
CA LYS A 111 22.66 39.92 14.27
C LYS A 111 23.43 40.72 15.33
N HIS A 112 23.76 40.03 16.45
CA HIS A 112 24.51 40.54 17.58
C HIS A 112 25.95 40.79 17.16
N LEU A 113 26.51 39.93 16.29
CA LEU A 113 27.88 40.07 15.77
C LEU A 113 28.00 41.23 14.80
N LYS A 114 26.92 41.54 14.04
CA LYS A 114 26.88 42.62 13.07
C LYS A 114 26.93 43.99 13.73
N THR A 115 26.35 44.11 14.94
CA THR A 115 26.33 45.35 15.71
C THR A 115 27.68 45.60 16.43
N ILE A 116 28.37 44.53 16.88
CA ILE A 116 29.65 44.60 17.60
C ILE A 116 30.88 44.47 16.65
N ASN A 117 30.67 44.71 15.34
CA ASN A 117 31.65 44.71 14.24
C ASN A 117 32.49 43.41 14.12
N GLN A 118 31.85 42.24 14.35
CA GLN A 118 32.51 40.92 14.26
C GLN A 118 31.86 40.04 13.16
N GLU A 119 31.56 40.64 11.99
CA GLU A 119 30.95 39.98 10.82
C GLU A 119 31.75 38.81 10.26
N SER A 120 33.08 38.81 10.50
CA SER A 120 34.04 37.78 10.09
C SER A 120 33.71 36.45 10.78
N CYS A 121 33.15 36.53 12.02
CA CYS A 121 32.75 35.41 12.87
C CYS A 121 31.40 34.76 12.47
N ILE A 122 30.65 35.34 11.48
CA ILE A 122 29.36 34.79 11.01
C ILE A 122 29.58 33.41 10.32
N GLU A 123 30.55 33.34 9.37
CA GLU A 123 30.95 32.14 8.64
C GLU A 123 31.36 31.00 9.60
N PRO A 124 32.30 31.18 10.58
CA PRO A 124 32.58 30.08 11.54
C PRO A 124 31.41 29.72 12.45
N LEU A 125 30.50 30.67 12.74
CA LEU A 125 29.29 30.42 13.56
C LEU A 125 28.33 29.49 12.80
N ALA A 126 28.06 29.79 11.50
CA ALA A 126 27.24 28.99 10.59
C ALA A 126 27.81 27.58 10.48
N GLU A 127 29.16 27.46 10.45
CA GLU A 127 29.88 26.19 10.41
C GLU A 127 29.64 25.42 11.71
N SER A 128 29.63 26.14 12.85
CA SER A 128 29.43 25.60 14.20
C SER A 128 28.04 24.99 14.41
N ILE A 129 26.98 25.66 13.91
CA ILE A 129 25.58 25.24 13.99
C ILE A 129 25.39 24.00 13.12
N THR A 130 25.97 24.01 11.91
CA THR A 130 25.96 22.92 10.95
C THR A 130 26.66 21.73 11.56
N ASP A 131 27.84 21.96 12.18
CA ASP A 131 28.59 20.95 12.89
C ASP A 131 27.69 20.27 13.96
N VAL A 132 27.04 21.07 14.82
CA VAL A 132 26.13 20.60 15.87
C VAL A 132 25.02 19.70 15.26
N LEU A 133 24.28 20.25 14.29
CA LEU A 133 23.18 19.59 13.61
C LEU A 133 23.57 18.27 12.87
N VAL A 134 24.37 18.36 11.80
CA VAL A 134 24.72 17.22 10.94
C VAL A 134 25.61 16.17 11.67
N ARG A 135 26.52 16.60 12.57
CA ARG A 135 27.40 15.63 13.26
C ARG A 135 26.69 14.87 14.37
N THR A 136 25.58 15.41 14.94
CA THR A 136 24.87 14.64 15.98
C THR A 136 23.55 14.01 15.44
N LYS A 137 22.94 14.60 14.40
CA LYS A 137 21.63 14.14 13.92
C LYS A 137 21.57 13.65 12.50
N ARG A 138 22.70 13.25 11.87
CA ARG A 138 22.72 12.80 10.48
C ARG A 138 21.66 11.75 10.12
N ASP A 139 21.61 10.62 10.87
CA ASP A 139 20.71 9.51 10.56
C ASP A 139 19.24 9.90 10.58
N TRP A 140 18.84 10.75 11.58
CA TRP A 140 17.48 11.27 11.78
C TRP A 140 17.15 12.15 10.61
N LEU A 141 18.07 13.09 10.28
CA LEU A 141 17.89 14.00 9.14
C LEU A 141 17.68 13.25 7.80
N VAL A 142 18.47 12.17 7.53
CA VAL A 142 18.37 11.32 6.33
C VAL A 142 16.99 10.60 6.31
N LYS A 143 16.60 9.99 7.45
CA LYS A 143 15.30 9.32 7.59
C LYS A 143 14.13 10.30 7.35
N GLN A 144 14.31 11.57 7.75
CA GLN A 144 13.30 12.62 7.61
C GLN A 144 13.27 13.31 6.25
N ARG A 145 14.09 12.83 5.29
CA ARG A 145 14.20 13.33 3.91
C ARG A 145 14.93 14.68 3.85
N GLY A 146 15.85 14.92 4.79
CA GLY A 146 16.66 16.13 4.84
C GLY A 146 15.92 17.45 4.63
N TRP A 147 16.45 18.32 3.74
CA TRP A 147 15.85 19.64 3.50
C TRP A 147 14.56 19.60 2.74
N ASP A 148 14.28 18.49 2.01
CA ASP A 148 12.97 18.30 1.37
C ASP A 148 11.90 18.10 2.44
N GLY A 149 12.21 17.29 3.45
CA GLY A 149 11.33 16.96 4.57
C GLY A 149 11.05 18.13 5.48
N PHE A 150 12.05 19.01 5.66
CA PHE A 150 11.95 20.25 6.45
C PHE A 150 10.90 21.17 5.84
N VAL A 151 10.89 21.31 4.50
CA VAL A 151 9.92 22.12 3.75
C VAL A 151 8.54 21.45 3.85
N GLU A 152 8.49 20.10 3.70
CA GLU A 152 7.21 19.36 3.79
C GLU A 152 6.58 19.46 5.21
N PHE A 153 7.41 19.37 6.23
CA PHE A 153 6.98 19.43 7.61
C PHE A 153 6.31 20.78 7.99
N PHE A 154 6.91 21.91 7.58
CA PHE A 154 6.45 23.27 7.88
C PHE A 154 5.52 23.87 6.84
N HIS A 155 5.10 23.10 5.83
CA HIS A 155 4.19 23.64 4.82
C HIS A 155 2.82 23.89 5.40
N VAL A 156 2.16 25.02 5.01
CA VAL A 156 0.84 25.34 5.55
C VAL A 156 -0.27 25.49 4.48
N GLU A 157 -0.08 26.38 3.48
CA GLU A 157 -1.04 26.73 2.42
C GLU A 157 -1.95 27.93 2.77
N ASP A 158 -2.03 28.89 1.82
CA ASP A 158 -2.85 30.11 1.84
C ASP A 158 -4.35 29.74 1.72
N LEU A 159 -5.33 30.62 2.06
CA LEU A 159 -5.18 32.01 2.52
C LEU A 159 -5.73 32.15 3.93
N GLN B 1 -10.96 22.82 -4.21
CA GLN B 1 -11.07 21.35 -4.29
C GLN B 1 -9.71 20.70 -4.57
N VAL B 2 -9.24 19.95 -3.61
CA VAL B 2 -7.97 19.24 -3.68
C VAL B 2 -8.22 17.91 -4.38
N THR B 3 -7.60 17.70 -5.54
CA THR B 3 -7.76 16.47 -6.32
C THR B 3 -6.46 15.98 -6.92
N LEU B 4 -6.40 14.65 -7.12
CA LEU B 4 -5.35 13.90 -7.82
C LEU B 4 -6.08 13.09 -8.88
N LYS B 5 -5.59 13.09 -10.11
CA LYS B 5 -6.19 12.32 -11.19
C LYS B 5 -5.14 11.55 -11.96
N GLU B 6 -5.24 10.20 -11.93
CA GLU B 6 -4.34 9.28 -12.66
C GLU B 6 -4.77 9.07 -14.11
N SER B 7 -3.80 8.80 -15.01
CA SER B 7 -3.98 8.51 -16.43
C SER B 7 -2.88 7.60 -16.96
N GLY B 8 -3.12 7.01 -18.14
CA GLY B 8 -2.14 6.18 -18.84
C GLY B 8 -2.33 4.69 -18.72
N GLY B 9 -3.32 4.29 -17.95
CA GLY B 9 -3.66 2.90 -17.72
C GLY B 9 -4.23 2.23 -18.94
N GLY B 10 -4.06 0.92 -19.00
CA GLY B 10 -4.53 0.12 -20.12
C GLY B 10 -3.79 -1.19 -20.26
N LEU B 11 -3.99 -1.83 -21.41
CA LEU B 11 -3.41 -3.11 -21.77
C LEU B 11 -2.05 -2.94 -22.40
N VAL B 12 -1.09 -3.72 -21.91
CA VAL B 12 0.32 -3.71 -22.35
C VAL B 12 0.82 -5.15 -22.28
N LYS B 13 1.76 -5.52 -23.14
CA LYS B 13 2.32 -6.86 -23.18
C LYS B 13 3.36 -7.11 -22.07
N PRO B 14 3.49 -8.37 -21.52
CA PRO B 14 4.63 -8.66 -20.63
C PRO B 14 5.96 -8.31 -21.33
N GLY B 15 6.92 -7.73 -20.58
CA GLY B 15 8.19 -7.26 -21.12
C GLY B 15 8.08 -5.82 -21.64
N GLY B 16 6.84 -5.37 -21.84
CA GLY B 16 6.51 -4.03 -22.31
C GLY B 16 6.68 -2.93 -21.27
N SER B 17 6.43 -1.70 -21.71
CA SER B 17 6.57 -0.45 -20.96
C SER B 17 5.33 0.39 -20.99
N LEU B 18 5.07 1.09 -19.90
CA LEU B 18 3.94 2.01 -19.79
C LEU B 18 4.32 3.14 -18.84
N ARG B 19 3.94 4.38 -19.20
CA ARG B 19 4.17 5.56 -18.38
C ARG B 19 2.81 6.03 -17.82
N LEU B 20 2.74 6.19 -16.50
CA LEU B 20 1.53 6.65 -15.80
C LEU B 20 1.72 8.11 -15.40
N SER B 21 0.62 8.84 -15.32
CA SER B 21 0.64 10.27 -15.01
C SER B 21 -0.40 10.57 -13.94
N CYS B 22 -0.13 11.56 -13.11
CA CYS B 22 -1.05 11.97 -12.07
C CYS B 22 -1.09 13.48 -12.07
N ALA B 23 -2.27 14.06 -12.37
CA ALA B 23 -2.46 15.52 -12.39
C ALA B 23 -2.97 15.96 -11.00
N ALA B 24 -2.26 16.89 -10.38
CA ALA B 24 -2.61 17.44 -9.06
C ALA B 24 -3.24 18.84 -9.24
N SER B 25 -4.33 19.12 -8.49
CA SER B 25 -5.04 20.42 -8.51
C SER B 25 -5.43 20.86 -7.15
N GLY B 26 -5.56 22.18 -6.97
CA GLY B 26 -6.06 22.79 -5.74
C GLY B 26 -5.12 22.83 -4.56
N PHE B 27 -3.83 22.54 -4.79
CA PHE B 27 -2.86 22.59 -3.72
C PHE B 27 -1.48 22.93 -4.26
N THR B 28 -0.51 23.24 -3.35
CA THR B 28 0.88 23.54 -3.71
C THR B 28 1.61 22.21 -3.88
N PHE B 29 1.61 21.67 -5.10
CA PHE B 29 2.17 20.36 -5.43
C PHE B 29 3.64 20.18 -4.99
N SER B 30 4.45 21.21 -5.18
CA SER B 30 5.89 21.26 -4.88
C SER B 30 6.25 21.22 -3.41
N SER B 31 5.28 21.32 -2.55
CA SER B 31 5.51 21.32 -1.10
C SER B 31 5.17 19.95 -0.42
N TYR B 32 4.78 18.94 -1.21
CA TYR B 32 4.44 17.59 -0.74
C TYR B 32 5.26 16.47 -1.36
N SER B 33 5.46 15.39 -0.57
CA SER B 33 5.98 14.10 -1.03
C SER B 33 4.78 13.42 -1.67
N MET B 34 5.03 12.62 -2.72
CA MET B 34 3.97 11.92 -3.44
C MET B 34 4.27 10.40 -3.46
N ASN B 35 3.25 9.58 -3.59
CA ASN B 35 3.40 8.13 -3.60
C ASN B 35 2.58 7.47 -4.68
N TRP B 36 3.01 6.26 -5.07
CA TRP B 36 2.26 5.34 -5.94
C TRP B 36 2.00 4.10 -5.09
N VAL B 37 0.75 3.67 -5.06
CA VAL B 37 0.30 2.49 -4.31
C VAL B 37 -0.54 1.73 -5.34
N ARG B 38 -0.46 0.39 -5.33
CA ARG B 38 -1.25 -0.38 -6.28
C ARG B 38 -2.07 -1.45 -5.56
N GLN B 39 -3.08 -1.97 -6.27
CA GLN B 39 -3.95 -3.02 -5.73
C GLN B 39 -4.32 -3.95 -6.86
N ALA B 40 -3.81 -5.17 -6.81
CA ALA B 40 -4.10 -6.20 -7.82
C ALA B 40 -5.61 -6.67 -7.67
N PRO B 41 -6.28 -7.21 -8.71
CA PRO B 41 -7.69 -7.63 -8.53
C PRO B 41 -7.95 -8.51 -7.30
N GLY B 42 -8.83 -8.05 -6.42
CA GLY B 42 -9.21 -8.71 -5.18
C GLY B 42 -8.14 -8.88 -4.11
N LYS B 43 -6.97 -8.19 -4.29
CA LYS B 43 -5.83 -8.26 -3.36
C LYS B 43 -5.73 -7.00 -2.50
N GLY B 44 -4.73 -6.97 -1.62
CA GLY B 44 -4.49 -5.84 -0.74
C GLY B 44 -3.65 -4.75 -1.39
N LEU B 45 -3.57 -3.60 -0.72
CA LEU B 45 -2.74 -2.46 -1.11
C LEU B 45 -1.26 -2.81 -0.97
N GLU B 46 -0.48 -2.44 -1.97
CA GLU B 46 0.95 -2.63 -2.01
C GLU B 46 1.55 -1.26 -2.31
N TRP B 47 2.43 -0.73 -1.43
CA TRP B 47 3.09 0.53 -1.75
C TRP B 47 4.16 0.22 -2.82
N VAL B 48 4.26 1.14 -3.81
CA VAL B 48 5.17 1.04 -4.97
C VAL B 48 6.37 1.95 -4.87
N SER B 49 6.14 3.24 -4.74
CA SER B 49 7.22 4.23 -4.78
C SER B 49 6.86 5.58 -4.19
N SER B 50 7.88 6.35 -3.73
CA SER B 50 7.68 7.74 -3.28
C SER B 50 8.76 8.64 -3.75
N ILE B 51 8.44 9.94 -3.87
CA ILE B 51 9.36 10.98 -4.27
C ILE B 51 9.12 12.19 -3.39
N SER B 52 10.19 12.71 -2.77
CA SER B 52 10.12 13.92 -1.93
C SER B 52 9.77 15.20 -2.79
N SER B 53 9.40 16.32 -2.14
CA SER B 53 8.97 17.60 -2.76
C SER B 53 9.88 18.11 -3.88
N SER B 54 11.20 18.04 -3.70
CA SER B 54 12.16 18.51 -4.71
C SER B 54 12.94 17.34 -5.30
N SER B 55 12.30 16.14 -5.33
CA SER B 55 12.88 14.93 -5.91
C SER B 55 14.23 14.48 -5.32
N SER B 56 14.62 14.97 -4.11
CA SER B 56 15.94 14.59 -3.58
C SER B 56 15.98 13.16 -3.02
N TYR B 57 14.83 12.68 -2.56
CA TYR B 57 14.66 11.35 -1.93
C TYR B 57 13.61 10.53 -2.67
N ILE B 58 14.04 9.41 -3.26
CA ILE B 58 13.20 8.49 -4.01
C ILE B 58 13.34 7.09 -3.38
N TYR B 59 12.22 6.33 -3.29
CA TYR B 59 12.29 4.99 -2.72
C TYR B 59 11.41 4.13 -3.54
N TYR B 60 11.73 2.84 -3.61
CA TYR B 60 10.96 1.85 -4.37
C TYR B 60 10.72 0.65 -3.53
N ALA B 61 9.63 -0.08 -3.80
CA ALA B 61 9.38 -1.37 -3.18
C ALA B 61 10.32 -2.36 -3.87
N ASP B 62 10.85 -3.39 -3.14
CA ASP B 62 11.75 -4.43 -3.69
C ASP B 62 11.13 -5.11 -4.93
N SER B 63 9.81 -5.32 -4.94
CA SER B 63 9.07 -5.92 -6.06
C SER B 63 9.21 -5.19 -7.40
N VAL B 64 9.54 -3.89 -7.37
CA VAL B 64 9.67 -3.05 -8.58
C VAL B 64 11.06 -2.44 -8.81
N LYS B 65 12.02 -2.63 -7.89
CA LYS B 65 13.37 -2.05 -8.05
C LYS B 65 14.04 -2.46 -9.38
N GLY B 66 14.60 -1.48 -10.09
CA GLY B 66 15.25 -1.65 -11.37
C GLY B 66 14.32 -1.61 -12.57
N ARG B 67 13.00 -1.74 -12.34
CA ARG B 67 12.05 -1.75 -13.45
C ARG B 67 11.23 -0.44 -13.51
N PHE B 68 10.91 0.14 -12.35
CA PHE B 68 10.08 1.35 -12.26
C PHE B 68 10.91 2.59 -11.93
N THR B 69 10.53 3.71 -12.51
CA THR B 69 11.14 4.99 -12.28
C THR B 69 10.06 6.06 -11.93
N ILE B 70 10.11 6.59 -10.69
CA ILE B 70 9.23 7.67 -10.25
C ILE B 70 9.93 9.01 -10.62
N SER B 71 9.14 10.03 -11.01
CA SER B 71 9.63 11.38 -11.30
C SER B 71 8.47 12.36 -11.15
N ARG B 72 8.75 13.64 -11.00
CA ARG B 72 7.72 14.68 -10.91
C ARG B 72 8.13 15.93 -11.71
N ASP B 73 7.15 16.67 -12.18
CA ASP B 73 7.38 17.96 -12.84
C ASP B 73 6.62 18.98 -12.02
N ASN B 74 7.29 19.66 -11.08
CA ASN B 74 6.61 20.64 -10.21
C ASN B 74 6.03 21.82 -10.97
N ALA B 75 6.67 22.19 -12.12
CA ALA B 75 6.21 23.29 -12.98
C ALA B 75 4.85 22.92 -13.61
N LYS B 76 4.58 21.60 -13.76
CA LYS B 76 3.36 21.05 -14.36
C LYS B 76 2.34 20.44 -13.41
N ASN B 77 2.64 20.40 -12.08
CA ASN B 77 1.78 19.77 -11.05
C ASN B 77 1.54 18.30 -11.44
N SER B 78 2.58 17.63 -11.99
CA SER B 78 2.44 16.26 -12.45
C SER B 78 3.47 15.31 -11.83
N LEU B 79 2.99 14.10 -11.52
CA LEU B 79 3.75 12.99 -10.95
C LEU B 79 3.72 11.89 -11.99
N TYR B 80 4.85 11.19 -12.20
CA TYR B 80 4.94 10.13 -13.19
C TYR B 80 5.46 8.81 -12.65
N LEU B 81 5.01 7.70 -13.27
CA LEU B 81 5.52 6.36 -13.03
C LEU B 81 5.87 5.72 -14.36
N GLN B 82 7.15 5.56 -14.64
CA GLN B 82 7.63 4.88 -15.84
C GLN B 82 7.84 3.43 -15.44
N MET B 83 7.05 2.51 -16.00
CA MET B 83 7.14 1.09 -15.67
C MET B 83 7.69 0.34 -16.88
N ASN B 84 8.78 -0.40 -16.71
CA ASN B 84 9.40 -1.21 -17.79
C ASN B 84 9.41 -2.66 -17.36
N SER B 85 9.73 -3.60 -18.30
CA SER B 85 9.84 -5.05 -18.04
C SER B 85 8.66 -5.56 -17.21
N LEU B 86 7.46 -5.14 -17.61
CA LEU B 86 6.20 -5.45 -16.95
C LEU B 86 5.89 -6.93 -16.98
N ARG B 87 5.29 -7.42 -15.91
CA ARG B 87 4.94 -8.83 -15.71
C ARG B 87 3.46 -8.86 -15.33
N ALA B 88 2.82 -10.06 -15.42
CA ALA B 88 1.43 -10.27 -15.06
C ALA B 88 1.15 -9.86 -13.60
N GLU B 89 2.15 -9.99 -12.69
CA GLU B 89 2.05 -9.64 -11.25
C GLU B 89 1.93 -8.12 -11.05
N ASP B 90 2.20 -7.35 -12.11
CA ASP B 90 2.12 -5.88 -12.14
C ASP B 90 0.70 -5.41 -12.49
N THR B 91 -0.20 -6.33 -12.87
CA THR B 91 -1.60 -5.99 -13.18
C THR B 91 -2.23 -5.52 -11.87
N ALA B 92 -2.73 -4.26 -11.86
CA ALA B 92 -3.29 -3.66 -10.66
C ALA B 92 -3.93 -2.33 -11.01
N VAL B 93 -4.73 -1.77 -10.08
CA VAL B 93 -5.22 -0.40 -10.15
C VAL B 93 -4.06 0.38 -9.46
N TYR B 94 -3.56 1.43 -10.12
CA TYR B 94 -2.44 2.24 -9.58
C TYR B 94 -2.97 3.58 -9.11
N TYR B 95 -2.78 3.85 -7.80
CA TYR B 95 -3.20 5.07 -7.15
C TYR B 95 -2.03 5.94 -6.84
N CYS B 96 -2.26 7.19 -7.05
CA CYS B 96 -1.45 8.34 -6.77
C CYS B 96 -1.98 8.82 -5.36
N ALA B 97 -1.05 9.11 -4.42
CA ALA B 97 -1.39 9.54 -3.07
C ALA B 97 -0.46 10.61 -2.55
N ARG B 98 -1.05 11.66 -1.92
CA ARG B 98 -0.32 12.78 -1.35
C ARG B 98 0.00 12.44 0.10
N GLN B 99 1.23 12.75 0.54
CA GLN B 99 1.74 12.53 1.90
C GLN B 99 1.67 13.84 2.71
N VAL B 100 1.20 13.76 3.97
CA VAL B 100 1.17 14.91 4.88
C VAL B 100 2.59 15.06 5.44
N GLY B 101 3.13 16.27 5.37
CA GLY B 101 4.46 16.58 5.85
C GLY B 101 4.70 16.28 7.32
N ALA B 102 3.76 16.66 8.18
CA ALA B 102 3.91 16.48 9.63
C ALA B 102 3.72 15.06 10.10
N THR B 103 2.85 14.28 9.44
CA THR B 103 2.54 12.94 9.91
C THR B 103 2.94 11.77 9.02
N TRP B 104 3.08 12.01 7.69
CA TRP B 104 3.36 10.99 6.65
C TRP B 104 2.14 10.16 6.28
N ALA B 105 0.96 10.53 6.75
CA ALA B 105 -0.28 9.84 6.39
C ALA B 105 -0.64 10.16 4.91
N PHE B 106 -1.31 9.23 4.20
CA PHE B 106 -1.71 9.52 2.81
C PHE B 106 -3.12 10.08 2.83
N ASP B 107 -3.24 11.42 2.90
CA ASP B 107 -4.55 12.06 3.06
C ASP B 107 -5.40 12.15 1.81
N ILE B 108 -4.79 12.41 0.63
CA ILE B 108 -5.50 12.56 -0.65
C ILE B 108 -5.01 11.49 -1.64
N TRP B 109 -5.95 10.78 -2.27
CA TRP B 109 -5.74 9.72 -3.24
C TRP B 109 -6.52 10.07 -4.49
N GLY B 110 -6.06 9.55 -5.63
CA GLY B 110 -6.81 9.68 -6.89
C GLY B 110 -7.85 8.57 -7.00
N GLN B 111 -8.54 8.46 -8.15
CA GLN B 111 -9.53 7.40 -8.40
C GLN B 111 -8.87 6.08 -8.85
N GLY B 112 -7.61 6.18 -9.28
CA GLY B 112 -6.81 5.05 -9.74
C GLY B 112 -6.89 4.82 -11.23
N THR B 113 -5.89 4.15 -11.79
CA THR B 113 -5.82 3.79 -13.21
C THR B 113 -5.49 2.30 -13.32
N LEU B 114 -6.29 1.55 -14.07
CA LEU B 114 -6.03 0.11 -14.21
C LEU B 114 -4.97 -0.16 -15.26
N VAL B 115 -3.98 -0.96 -14.89
CA VAL B 115 -2.91 -1.43 -15.76
C VAL B 115 -3.11 -2.95 -15.89
N THR B 116 -3.19 -3.46 -17.15
CA THR B 116 -3.34 -4.88 -17.45
C THR B 116 -2.17 -5.37 -18.30
N VAL B 117 -1.41 -6.31 -17.78
CA VAL B 117 -0.25 -6.87 -18.45
C VAL B 117 -0.72 -8.21 -18.96
N SER B 118 -1.04 -8.24 -20.27
CA SER B 118 -1.65 -9.36 -20.96
C SER B 118 -1.25 -9.40 -22.44
N ALA B 119 -0.76 -10.57 -22.88
CA ALA B 119 -0.35 -10.89 -24.27
C ALA B 119 -1.37 -11.86 -24.91
N ALA B 120 -2.46 -12.21 -24.18
CA ALA B 120 -3.48 -13.15 -24.63
C ALA B 120 -4.30 -12.65 -25.82
N LYS B 121 -4.57 -13.56 -26.74
CA LYS B 121 -5.35 -13.38 -27.95
C LYS B 121 -6.72 -13.95 -27.68
N THR B 122 -7.71 -13.71 -28.58
CA THR B 122 -9.04 -14.27 -28.41
C THR B 122 -8.93 -15.80 -28.42
N THR B 123 -9.46 -16.42 -27.35
CA THR B 123 -9.35 -17.86 -27.16
C THR B 123 -10.70 -18.43 -26.78
N PRO B 124 -11.20 -19.47 -27.49
CA PRO B 124 -12.46 -20.08 -27.07
C PRO B 124 -12.24 -20.99 -25.86
N PRO B 125 -13.20 -21.13 -24.93
CA PRO B 125 -13.00 -22.08 -23.82
C PRO B 125 -13.13 -23.54 -24.24
N SER B 126 -12.60 -24.42 -23.40
CA SER B 126 -12.72 -25.86 -23.52
C SER B 126 -13.64 -26.21 -22.37
N VAL B 127 -14.71 -26.96 -22.65
CA VAL B 127 -15.69 -27.33 -21.63
C VAL B 127 -15.40 -28.75 -21.18
N TYR B 128 -15.22 -28.93 -19.87
CA TYR B 128 -14.91 -30.21 -19.24
C TYR B 128 -15.93 -30.54 -18.19
N PRO B 129 -16.34 -31.83 -18.10
CA PRO B 129 -17.38 -32.18 -17.11
C PRO B 129 -16.84 -32.26 -15.70
N LEU B 130 -17.67 -31.81 -14.73
CA LEU B 130 -17.33 -31.88 -13.30
C LEU B 130 -18.31 -32.87 -12.68
N ALA B 131 -17.80 -34.04 -12.30
CA ALA B 131 -18.65 -35.07 -11.72
C ALA B 131 -17.92 -35.78 -10.58
N PRO B 132 -18.63 -36.29 -9.53
CA PRO B 132 -17.95 -37.01 -8.44
C PRO B 132 -17.32 -38.34 -8.86
N GLY B 133 -16.34 -38.81 -8.08
CA GLY B 133 -15.64 -40.08 -8.32
C GLY B 133 -16.22 -41.25 -7.55
N SER B 134 -15.42 -41.81 -6.60
CA SER B 134 -15.82 -42.93 -5.73
C SER B 134 -16.44 -42.41 -4.43
N ASN B 139 -28.77 -43.06 -3.78
CA ASN B 139 -28.12 -42.04 -2.94
C ASN B 139 -29.14 -40.98 -2.39
N SER B 140 -29.03 -39.71 -2.80
CA SER B 140 -29.91 -38.62 -2.35
C SER B 140 -29.89 -37.40 -3.24
N MET B 141 -28.88 -36.53 -3.07
CA MET B 141 -28.64 -35.30 -3.85
C MET B 141 -27.23 -35.41 -4.46
N VAL B 142 -27.05 -34.94 -5.70
CA VAL B 142 -25.78 -35.00 -6.43
C VAL B 142 -25.40 -33.62 -7.05
N THR B 143 -24.12 -33.20 -6.86
CA THR B 143 -23.62 -31.95 -7.43
C THR B 143 -22.78 -32.26 -8.69
N LEU B 144 -23.28 -31.80 -9.83
CA LEU B 144 -22.62 -31.90 -11.14
C LEU B 144 -22.20 -30.49 -11.54
N GLY B 145 -21.37 -30.38 -12.58
CA GLY B 145 -20.89 -29.10 -13.04
C GLY B 145 -20.15 -29.11 -14.36
N CYS B 146 -19.73 -27.91 -14.80
CA CYS B 146 -18.96 -27.64 -16.02
C CYS B 146 -17.77 -26.75 -15.74
N LEU B 147 -16.61 -27.16 -16.25
CA LEU B 147 -15.36 -26.41 -16.14
C LEU B 147 -15.15 -25.64 -17.45
N VAL B 148 -15.24 -24.31 -17.39
CA VAL B 148 -15.08 -23.41 -18.55
C VAL B 148 -13.62 -22.91 -18.51
N LYS B 149 -12.73 -23.63 -19.18
CA LYS B 149 -11.30 -23.40 -19.08
C LYS B 149 -10.60 -22.73 -20.25
N GLY B 150 -9.74 -21.77 -19.92
CA GLY B 150 -8.84 -21.10 -20.84
C GLY B 150 -9.42 -20.23 -21.94
N TYR B 151 -10.39 -19.37 -21.61
CA TYR B 151 -10.96 -18.45 -22.56
C TYR B 151 -10.42 -17.01 -22.38
N PHE B 152 -10.65 -16.19 -23.39
CA PHE B 152 -10.24 -14.81 -23.42
C PHE B 152 -10.96 -14.07 -24.53
N PRO B 153 -11.59 -12.93 -24.21
CA PRO B 153 -11.68 -12.29 -22.89
C PRO B 153 -12.96 -12.67 -22.11
N GLU B 154 -13.27 -11.88 -21.09
CA GLU B 154 -14.49 -12.02 -20.32
C GLU B 154 -15.63 -11.33 -21.12
N PRO B 155 -16.90 -11.76 -21.01
CA PRO B 155 -17.44 -12.82 -20.18
C PRO B 155 -17.72 -14.12 -20.93
N VAL B 156 -18.41 -15.01 -20.24
CA VAL B 156 -18.86 -16.29 -20.69
C VAL B 156 -20.21 -16.48 -19.98
N THR B 157 -21.20 -17.06 -20.68
CA THR B 157 -22.52 -17.30 -20.09
C THR B 157 -22.68 -18.81 -19.92
N VAL B 158 -23.34 -19.26 -18.82
CA VAL B 158 -23.58 -20.69 -18.59
C VAL B 158 -25.04 -20.88 -18.15
N THR B 159 -25.75 -21.84 -18.78
CA THR B 159 -27.12 -22.24 -18.42
C THR B 159 -27.16 -23.75 -18.21
N TRP B 160 -28.24 -24.25 -17.64
CA TRP B 160 -28.42 -25.68 -17.39
C TRP B 160 -29.79 -26.13 -17.92
N ASN B 161 -29.76 -27.03 -18.94
CA ASN B 161 -30.89 -27.56 -19.71
C ASN B 161 -31.62 -26.38 -20.36
N SER B 162 -30.81 -25.54 -21.06
CA SER B 162 -31.15 -24.32 -21.80
C SER B 162 -32.00 -23.28 -21.00
N GLY B 163 -32.11 -23.49 -19.70
CA GLY B 163 -32.87 -22.61 -18.81
C GLY B 163 -33.73 -23.30 -17.77
N SER B 164 -34.15 -24.55 -18.03
CA SER B 164 -35.03 -25.35 -17.14
C SER B 164 -34.48 -25.41 -15.71
N LEU B 165 -33.19 -25.78 -15.58
CA LEU B 165 -32.50 -25.81 -14.32
C LEU B 165 -31.96 -24.41 -14.04
N SER B 166 -32.33 -23.88 -12.87
CA SER B 166 -31.94 -22.56 -12.38
C SER B 166 -31.82 -22.68 -10.87
N SER B 167 -32.67 -23.55 -10.27
CA SER B 167 -32.66 -23.83 -8.84
C SER B 167 -31.49 -24.77 -8.51
N GLY B 168 -30.73 -24.43 -7.46
CA GLY B 168 -29.57 -25.19 -7.02
C GLY B 168 -28.30 -24.97 -7.82
N VAL B 169 -28.29 -24.01 -8.77
CA VAL B 169 -27.08 -23.74 -9.56
C VAL B 169 -26.24 -22.60 -8.96
N HIS B 170 -24.91 -22.75 -9.10
CA HIS B 170 -23.93 -21.76 -8.71
C HIS B 170 -22.94 -21.56 -9.86
N THR B 171 -22.94 -20.35 -10.45
CA THR B 171 -21.94 -19.99 -11.45
C THR B 171 -20.88 -19.17 -10.70
N PHE B 172 -19.67 -19.72 -10.60
CA PHE B 172 -18.59 -19.10 -9.82
C PHE B 172 -17.89 -17.99 -10.61
N PRO B 173 -17.38 -16.92 -9.94
CA PRO B 173 -16.64 -15.89 -10.71
C PRO B 173 -15.39 -16.45 -11.37
N ALA B 174 -14.99 -15.87 -12.49
CA ALA B 174 -13.80 -16.23 -13.26
C ALA B 174 -12.49 -15.84 -12.53
N VAL B 175 -11.42 -16.61 -12.78
CA VAL B 175 -10.10 -16.33 -12.23
C VAL B 175 -9.11 -16.58 -13.35
N LEU B 176 -7.97 -15.86 -13.33
CA LEU B 176 -6.91 -15.98 -14.32
C LEU B 176 -5.98 -17.13 -13.99
N GLN B 177 -5.69 -17.97 -14.99
CA GLN B 177 -4.73 -19.07 -14.91
C GLN B 177 -3.86 -18.89 -16.13
N SER B 178 -2.68 -18.28 -15.92
CA SER B 178 -1.66 -17.99 -16.94
C SER B 178 -2.19 -17.28 -18.23
N ASP B 179 -2.66 -16.02 -18.08
CA ASP B 179 -3.16 -15.12 -19.16
C ASP B 179 -4.59 -15.41 -19.64
N LEU B 180 -5.17 -16.57 -19.23
CA LEU B 180 -6.51 -16.96 -19.65
C LEU B 180 -7.48 -17.10 -18.47
N TYR B 181 -8.76 -16.92 -18.74
CA TYR B 181 -9.77 -17.05 -17.71
C TYR B 181 -10.30 -18.47 -17.65
N THR B 182 -10.63 -18.90 -16.42
CA THR B 182 -11.23 -20.15 -16.07
C THR B 182 -12.40 -19.81 -15.17
N LEU B 183 -13.49 -20.50 -15.39
CA LEU B 183 -14.71 -20.30 -14.62
C LEU B 183 -15.29 -21.69 -14.44
N SER B 184 -16.12 -21.87 -13.45
CA SER B 184 -16.86 -23.10 -13.32
C SER B 184 -18.30 -22.81 -12.87
N SER B 185 -19.19 -23.76 -13.16
CA SER B 185 -20.63 -23.71 -12.86
C SER B 185 -21.06 -25.06 -12.31
N SER B 186 -21.69 -25.08 -11.11
CA SER B 186 -22.23 -26.29 -10.49
C SER B 186 -23.76 -26.25 -10.40
N VAL B 187 -24.38 -27.43 -10.34
CA VAL B 187 -25.83 -27.63 -10.21
C VAL B 187 -26.06 -28.83 -9.29
N THR B 188 -26.93 -28.68 -8.27
CA THR B 188 -27.30 -29.77 -7.36
C THR B 188 -28.67 -30.31 -7.75
N VAL B 189 -28.71 -31.56 -8.21
CA VAL B 189 -29.92 -32.24 -8.66
C VAL B 189 -30.16 -33.50 -7.80
N PRO B 190 -31.40 -34.02 -7.68
CA PRO B 190 -31.57 -35.27 -6.92
C PRO B 190 -31.01 -36.47 -7.70
N SER B 191 -30.52 -37.50 -6.98
CA SER B 191 -29.96 -38.73 -7.53
C SER B 191 -30.99 -39.50 -8.40
N SER B 192 -30.50 -40.10 -9.53
CA SER B 192 -31.24 -40.89 -10.54
C SER B 192 -32.35 -40.10 -11.23
N GLU B 197 -33.84 -36.83 -15.80
CA GLU B 197 -33.03 -37.94 -16.30
C GLU B 197 -31.95 -37.52 -17.34
N THR B 198 -31.68 -36.19 -17.45
CA THR B 198 -30.68 -35.59 -18.37
C THR B 198 -30.19 -34.23 -17.87
N VAL B 199 -28.85 -34.07 -17.73
CA VAL B 199 -28.20 -32.84 -17.24
C VAL B 199 -27.14 -32.39 -18.27
N THR B 200 -27.29 -31.16 -18.81
CA THR B 200 -26.37 -30.61 -19.81
C THR B 200 -26.15 -29.10 -19.65
N CYS B 201 -24.87 -28.66 -19.59
CA CYS B 201 -24.57 -27.23 -19.48
C CYS B 201 -24.38 -26.59 -20.84
N ASN B 202 -24.89 -25.36 -20.95
CA ASN B 202 -24.88 -24.59 -22.20
C ASN B 202 -23.97 -23.38 -22.06
N VAL B 203 -22.76 -23.49 -22.62
CA VAL B 203 -21.72 -22.48 -22.52
C VAL B 203 -21.62 -21.65 -23.79
N ALA B 204 -21.58 -20.32 -23.63
CA ALA B 204 -21.43 -19.41 -24.77
C ALA B 204 -20.34 -18.34 -24.53
N HIS B 205 -19.44 -18.19 -25.50
CA HIS B 205 -18.38 -17.18 -25.45
C HIS B 205 -18.58 -16.26 -26.66
N PRO B 206 -19.41 -15.18 -26.49
CA PRO B 206 -19.69 -14.27 -27.61
C PRO B 206 -18.48 -13.70 -28.35
N ALA B 207 -17.38 -13.40 -27.63
CA ALA B 207 -16.13 -12.83 -28.17
C ALA B 207 -15.39 -13.73 -29.18
N SER B 208 -15.61 -15.04 -29.11
CA SER B 208 -15.04 -15.99 -30.05
C SER B 208 -16.19 -16.64 -30.86
N SER B 209 -17.46 -16.15 -30.64
CA SER B 209 -18.70 -16.66 -31.21
C SER B 209 -18.73 -18.18 -31.04
N THR B 210 -18.64 -18.63 -29.78
CA THR B 210 -18.60 -20.04 -29.42
C THR B 210 -19.86 -20.47 -28.69
N LYS B 211 -20.43 -21.59 -29.14
CA LYS B 211 -21.62 -22.19 -28.56
C LYS B 211 -21.31 -23.67 -28.40
N VAL B 212 -21.15 -24.12 -27.14
CA VAL B 212 -20.82 -25.50 -26.80
C VAL B 212 -21.83 -26.04 -25.80
N ASP B 213 -22.15 -27.35 -25.89
CA ASP B 213 -23.05 -28.04 -24.98
C ASP B 213 -22.36 -29.30 -24.46
N LYS B 214 -22.48 -29.55 -23.16
CA LYS B 214 -21.84 -30.71 -22.53
C LYS B 214 -22.80 -31.50 -21.64
N LYS B 215 -23.06 -32.76 -21.99
CA LYS B 215 -23.89 -33.58 -21.12
C LYS B 215 -23.03 -34.17 -19.98
N ILE B 216 -23.51 -34.01 -18.73
CA ILE B 216 -22.79 -34.45 -17.53
C ILE B 216 -23.44 -35.72 -17.01
N VAL B 217 -22.67 -36.82 -17.04
CA VAL B 217 -23.18 -38.13 -16.64
C VAL B 217 -22.07 -38.92 -15.91
N PRO B 218 -22.24 -39.21 -14.60
CA PRO B 218 -21.20 -39.94 -13.86
C PRO B 218 -21.17 -41.44 -14.14
N SER C 2 2.71 -9.90 2.84
CA SER C 2 2.73 -8.63 3.56
C SER C 2 3.57 -8.71 4.85
N VAL C 3 4.38 -7.66 5.11
CA VAL C 3 5.27 -7.57 6.29
C VAL C 3 4.44 -7.34 7.60
N LEU C 4 3.25 -6.69 7.46
CA LEU C 4 2.34 -6.41 8.58
C LEU C 4 1.24 -7.44 8.56
N THR C 5 1.07 -8.15 9.67
CA THR C 5 0.10 -9.21 9.65
C THR C 5 -1.24 -8.75 10.30
N GLN C 6 -2.35 -8.92 9.56
CA GLN C 6 -3.71 -8.58 9.99
C GLN C 6 -4.58 -9.82 9.85
N PRO C 7 -5.66 -9.98 10.65
CA PRO C 7 -6.55 -11.14 10.41
C PRO C 7 -7.40 -10.89 9.14
N PRO C 8 -7.57 -11.82 8.19
CA PRO C 8 -8.36 -11.48 6.99
C PRO C 8 -9.83 -11.11 7.26
N SER C 9 -10.35 -11.48 8.45
CA SER C 9 -11.74 -11.26 8.78
C SER C 9 -11.96 -10.81 10.20
N ALA C 10 -12.85 -9.84 10.37
CA ALA C 10 -13.32 -9.39 11.69
C ALA C 10 -14.81 -9.18 11.54
N SER C 11 -15.61 -9.32 12.61
CA SER C 11 -17.07 -9.19 12.51
C SER C 11 -17.78 -8.97 13.84
N GLY C 12 -19.00 -8.47 13.76
CA GLY C 12 -19.88 -8.22 14.90
C GLY C 12 -21.28 -7.82 14.47
N THR C 13 -22.21 -7.85 15.40
CA THR C 13 -23.61 -7.47 15.16
C THR C 13 -23.72 -5.92 15.31
N PRO C 14 -24.70 -5.20 14.70
CA PRO C 14 -24.75 -3.74 14.93
C PRO C 14 -24.69 -3.34 16.42
N GLY C 15 -23.86 -2.36 16.75
CA GLY C 15 -23.67 -1.87 18.11
C GLY C 15 -22.55 -2.51 18.92
N GLN C 16 -22.01 -3.62 18.43
CA GLN C 16 -20.90 -4.34 19.09
C GLN C 16 -19.59 -3.60 18.93
N ARG C 17 -18.63 -3.88 19.83
CA ARG C 17 -17.29 -3.33 19.76
C ARG C 17 -16.38 -4.38 19.12
N VAL C 18 -15.78 -4.04 17.95
CA VAL C 18 -14.89 -4.95 17.23
C VAL C 18 -13.46 -4.36 17.14
N THR C 19 -12.46 -5.21 17.31
CA THR C 19 -11.06 -4.82 17.27
C THR C 19 -10.37 -5.53 16.08
N ILE C 20 -9.41 -4.81 15.43
CA ILE C 20 -8.62 -5.33 14.28
C ILE C 20 -7.17 -5.10 14.64
N SER C 21 -6.44 -6.20 14.79
CA SER C 21 -5.03 -6.20 15.14
C SER C 21 -4.14 -6.08 13.87
N CYS C 22 -2.94 -5.54 14.07
CA CYS C 22 -1.92 -5.32 13.06
C CYS C 22 -0.65 -5.62 13.82
N SER C 23 0.10 -6.60 13.35
CA SER C 23 1.31 -7.09 13.99
C SER C 23 2.50 -6.86 13.08
N GLY C 24 3.50 -6.18 13.61
CA GLY C 24 4.69 -5.90 12.83
C GLY C 24 5.99 -6.22 13.53
N SER C 25 6.98 -5.35 13.36
CA SER C 25 8.31 -5.62 13.92
C SER C 25 9.02 -4.37 14.36
N SER C 26 10.13 -4.53 15.10
CA SER C 26 10.91 -3.41 15.62
C SER C 26 11.31 -2.33 14.56
N SER C 27 11.58 -2.69 13.29
CA SER C 27 11.95 -1.76 12.22
C SER C 27 10.78 -0.97 11.66
N ASN C 28 9.56 -1.46 11.84
CA ASN C 28 8.41 -0.73 11.31
C ASN C 28 7.57 -0.13 12.45
N ILE C 29 6.59 -0.86 13.00
CA ILE C 29 5.70 -0.41 14.09
C ILE C 29 6.49 -0.02 15.37
N GLY C 30 7.56 -0.75 15.67
CA GLY C 30 8.41 -0.43 16.82
C GLY C 30 9.24 0.85 16.71
N SER C 31 9.42 1.41 15.49
CA SER C 31 10.21 2.65 15.32
C SER C 31 9.41 3.81 14.70
N ASN C 32 8.15 3.56 14.28
CA ASN C 32 7.38 4.53 13.53
C ASN C 32 5.92 4.48 13.91
N THR C 33 5.18 5.55 13.58
CA THR C 33 3.73 5.65 13.81
C THR C 33 2.96 4.79 12.79
N VAL C 34 1.72 4.42 13.14
CA VAL C 34 0.83 3.61 12.32
C VAL C 34 -0.34 4.44 11.77
N ASN C 35 -0.68 4.21 10.51
CA ASN C 35 -1.84 4.81 9.87
C ASN C 35 -2.82 3.69 9.49
N TRP C 36 -4.10 4.03 9.43
CA TRP C 36 -5.16 3.10 9.05
C TRP C 36 -5.94 3.67 7.89
N TYR C 37 -6.30 2.82 6.91
CA TYR C 37 -7.08 3.27 5.75
C TYR C 37 -8.33 2.42 5.67
N GLN C 38 -9.41 3.02 5.21
CA GLN C 38 -10.65 2.33 5.04
C GLN C 38 -10.94 2.27 3.55
N GLN C 39 -11.28 1.09 3.04
CA GLN C 39 -11.59 0.95 1.63
C GLN C 39 -12.95 0.31 1.40
N LEU C 40 -13.83 1.09 0.84
CA LEU C 40 -15.17 0.67 0.44
C LEU C 40 -15.04 -0.02 -0.91
N PRO C 41 -15.76 -1.13 -1.12
CA PRO C 41 -15.63 -1.85 -2.42
C PRO C 41 -15.79 -0.96 -3.66
N GLY C 42 -14.86 -1.12 -4.60
CA GLY C 42 -14.82 -0.36 -5.85
C GLY C 42 -14.36 1.08 -5.73
N THR C 43 -13.87 1.48 -4.54
CA THR C 43 -13.44 2.87 -4.31
C THR C 43 -11.98 2.93 -3.84
N ALA C 44 -11.40 4.14 -3.90
CA ALA C 44 -10.04 4.40 -3.44
C ALA C 44 -9.96 4.36 -1.89
N PRO C 45 -8.83 3.90 -1.33
CA PRO C 45 -8.66 3.98 0.14
C PRO C 45 -8.84 5.41 0.69
N LYS C 46 -9.34 5.51 1.90
CA LYS C 46 -9.50 6.77 2.60
C LYS C 46 -8.71 6.69 3.90
N LEU C 47 -8.07 7.80 4.27
CA LEU C 47 -7.33 7.90 5.54
C LEU C 47 -8.35 7.87 6.73
N LEU C 48 -8.14 6.94 7.66
CA LEU C 48 -9.02 6.70 8.78
C LEU C 48 -8.39 7.15 10.11
N ILE C 49 -7.14 6.72 10.36
CA ILE C 49 -6.36 7.04 11.55
C ILE C 49 -4.94 7.38 11.14
N TYR C 50 -4.37 8.41 11.74
CA TYR C 50 -2.97 8.74 11.50
C TYR C 50 -2.29 8.90 12.86
N SER C 51 -0.97 8.87 12.88
CA SER C 51 -0.17 9.00 14.10
C SER C 51 -0.68 8.11 15.26
N ASN C 52 -0.95 6.83 14.92
CA ASN C 52 -1.47 5.76 15.80
C ASN C 52 -2.89 5.94 16.24
N ASN C 53 -3.30 7.17 16.63
CA ASN C 53 -4.63 7.37 17.23
C ASN C 53 -5.33 8.64 16.88
N GLN C 54 -4.90 9.32 15.82
CA GLN C 54 -5.56 10.56 15.41
C GLN C 54 -6.56 10.33 14.31
N ARG C 55 -7.75 10.89 14.49
CA ARG C 55 -8.82 10.85 13.50
C ARG C 55 -8.76 12.10 12.69
N PRO C 56 -8.74 12.04 11.33
CA PRO C 56 -8.84 13.29 10.55
C PRO C 56 -10.29 13.79 10.60
N SER C 57 -10.52 15.01 10.11
CA SER C 57 -11.85 15.60 10.00
C SER C 57 -12.66 14.71 9.04
N GLY C 58 -13.87 14.31 9.44
CA GLY C 58 -14.73 13.46 8.61
C GLY C 58 -14.75 11.99 8.98
N VAL C 59 -14.05 11.61 10.06
CA VAL C 59 -14.02 10.26 10.56
C VAL C 59 -14.82 10.21 11.89
N PRO C 60 -15.86 9.31 12.00
CA PRO C 60 -16.66 9.26 13.24
C PRO C 60 -15.81 8.90 14.45
N ASP C 61 -16.19 9.42 15.62
CA ASP C 61 -15.34 9.22 16.79
C ASP C 61 -15.43 7.80 17.36
N ARG C 62 -16.25 6.93 16.75
CA ARG C 62 -16.36 5.52 17.12
C ARG C 62 -15.13 4.71 16.60
N PHE C 63 -14.34 5.29 15.67
CA PHE C 63 -13.09 4.69 15.21
C PHE C 63 -11.97 5.18 16.12
N SER C 64 -11.24 4.26 16.72
CA SER C 64 -10.11 4.63 17.54
C SER C 64 -8.90 3.75 17.25
N GLY C 65 -7.71 4.26 17.47
CA GLY C 65 -6.50 3.50 17.22
C GLY C 65 -5.58 3.49 18.42
N SER C 66 -4.70 2.50 18.43
CA SER C 66 -3.69 2.36 19.47
C SER C 66 -2.49 1.60 18.95
N LYS C 67 -1.35 1.83 19.59
CA LYS C 67 -0.09 1.19 19.27
C LYS C 67 0.60 0.82 20.57
N SER C 68 1.18 -0.36 20.65
CA SER C 68 1.92 -0.83 21.83
C SER C 68 3.03 -1.77 21.36
N GLY C 69 4.28 -1.35 21.49
CA GLY C 69 5.46 -2.11 21.03
C GLY C 69 5.48 -2.25 19.51
N THR C 70 5.39 -3.49 19.03
CA THR C 70 5.42 -3.81 17.60
C THR C 70 4.02 -4.20 17.09
N SER C 71 2.98 -3.81 17.83
CA SER C 71 1.60 -4.06 17.42
C SER C 71 0.77 -2.79 17.45
N ALA C 72 -0.30 -2.79 16.66
CA ALA C 72 -1.27 -1.72 16.59
C ALA C 72 -2.66 -2.37 16.55
N SER C 73 -3.66 -1.64 17.00
CA SER C 73 -5.02 -2.11 16.99
C SER C 73 -5.97 -1.00 16.53
N LEU C 74 -7.01 -1.34 15.75
CA LEU C 74 -8.06 -0.42 15.35
C LEU C 74 -9.30 -0.92 16.07
N ALA C 75 -10.01 -0.05 16.81
CA ALA C 75 -11.26 -0.42 17.48
C ALA C 75 -12.44 0.34 16.86
N ILE C 76 -13.54 -0.38 16.61
CA ILE C 76 -14.80 0.19 16.14
C ILE C 76 -15.84 -0.01 17.28
N SER C 77 -16.13 1.07 18.02
CA SER C 77 -17.02 1.07 19.20
C SER C 77 -18.47 1.34 18.80
N GLY C 78 -19.22 0.27 18.59
CA GLY C 78 -20.61 0.37 18.16
C GLY C 78 -20.69 0.25 16.65
N LEU C 79 -20.58 -0.98 16.13
CA LEU C 79 -20.64 -1.26 14.67
C LEU C 79 -21.93 -0.75 14.03
N GLN C 80 -21.79 -0.06 12.90
CA GLN C 80 -22.91 0.39 12.08
C GLN C 80 -22.71 -0.23 10.69
N SER C 81 -23.81 -0.37 9.93
CA SER C 81 -23.84 -0.97 8.59
C SER C 81 -22.82 -0.37 7.58
N GLU C 82 -22.66 0.95 7.59
CA GLU C 82 -21.73 1.63 6.69
C GLU C 82 -20.24 1.37 7.05
N ASP C 83 -19.98 0.70 8.18
CA ASP C 83 -18.63 0.32 8.60
C ASP C 83 -18.09 -0.92 7.86
N GLU C 84 -18.95 -1.62 7.09
CA GLU C 84 -18.58 -2.82 6.36
C GLU C 84 -17.65 -2.44 5.21
N ALA C 85 -16.38 -2.73 5.39
CA ALA C 85 -15.38 -2.31 4.42
C ALA C 85 -14.08 -3.07 4.71
N ASP C 86 -13.02 -2.78 3.93
CA ASP C 86 -11.71 -3.36 4.16
C ASP C 86 -10.86 -2.31 4.93
N TYR C 87 -10.03 -2.79 5.85
CA TYR C 87 -9.20 -1.97 6.74
C TYR C 87 -7.75 -2.38 6.66
N TYR C 88 -6.86 -1.42 6.34
CA TYR C 88 -5.43 -1.62 6.17
C TYR C 88 -4.64 -0.78 7.13
N CYS C 89 -3.63 -1.36 7.77
CA CYS C 89 -2.69 -0.61 8.59
C CYS C 89 -1.46 -0.40 7.72
N ALA C 90 -0.72 0.66 7.98
CA ALA C 90 0.50 0.99 7.25
C ALA C 90 1.51 1.70 8.19
N ALA C 91 2.78 1.36 8.04
CA ALA C 91 3.92 1.90 8.79
C ALA C 91 5.14 1.90 7.87
N TRP C 92 5.99 2.90 8.05
CA TRP C 92 7.26 3.02 7.34
C TRP C 92 8.20 2.01 8.00
N ASP C 93 9.03 1.35 7.22
CA ASP C 93 9.97 0.33 7.71
C ASP C 93 11.39 0.86 7.46
N ASP C 94 12.17 1.04 8.55
CA ASP C 94 13.54 1.59 8.54
C ASP C 94 14.55 0.69 7.91
N SER C 95 14.30 -0.63 7.95
CA SER C 95 15.19 -1.63 7.38
C SER C 95 14.97 -1.76 5.89
N LEU C 96 13.72 -1.73 5.46
CA LEU C 96 13.41 -1.82 4.04
C LEU C 96 13.51 -0.48 3.35
N ASN C 97 13.43 0.65 4.09
CA ASN C 97 13.33 1.99 3.45
C ASN C 97 12.12 1.98 2.52
N ALA C 98 11.02 1.46 3.03
CA ALA C 98 9.81 1.31 2.27
C ALA C 98 8.61 1.34 3.21
N TRP C 99 7.44 1.67 2.66
CA TRP C 99 6.19 1.59 3.40
C TRP C 99 5.79 0.13 3.36
N VAL C 100 5.26 -0.37 4.48
CA VAL C 100 4.73 -1.73 4.55
C VAL C 100 3.26 -1.60 4.89
N PHE C 101 2.41 -2.29 4.16
CA PHE C 101 0.98 -2.29 4.40
C PHE C 101 0.63 -3.67 4.92
N GLY C 102 -0.36 -3.74 5.79
CA GLY C 102 -0.90 -5.02 6.26
C GLY C 102 -1.74 -5.59 5.12
N GLY C 103 -2.00 -6.89 5.20
CA GLY C 103 -2.76 -7.65 4.22
C GLY C 103 -4.23 -7.29 4.10
N GLY C 104 -4.72 -6.50 5.06
CA GLY C 104 -6.10 -6.03 5.09
C GLY C 104 -7.02 -6.95 5.84
N THR C 105 -8.08 -6.36 6.40
CA THR C 105 -9.10 -7.09 7.13
C THR C 105 -10.47 -6.66 6.59
N LYS C 106 -11.30 -7.63 6.24
CA LYS C 106 -12.66 -7.30 5.88
C LYS C 106 -13.49 -7.30 7.19
N LEU C 107 -14.10 -6.17 7.51
CA LEU C 107 -14.97 -6.06 8.65
C LEU C 107 -16.40 -6.31 8.13
N THR C 108 -17.08 -7.35 8.68
CA THR C 108 -18.48 -7.69 8.33
C THR C 108 -19.38 -7.26 9.48
N VAL C 109 -20.44 -6.52 9.14
CA VAL C 109 -21.50 -6.15 10.08
C VAL C 109 -22.58 -7.26 9.88
N LEU C 110 -22.55 -8.26 10.80
CA LEU C 110 -23.44 -9.43 10.76
C LEU C 110 -24.92 -9.07 10.72
N GLY C 115 -25.56 -9.46 9.62
CA GLY C 115 -26.98 -9.23 9.42
C GLY C 115 -27.69 -10.54 9.16
N GLN C 116 -27.07 -11.63 9.62
CA GLN C 116 -27.49 -13.00 9.40
C GLN C 116 -26.66 -13.84 10.34
N PRO C 117 -27.10 -15.07 10.70
CA PRO C 117 -26.19 -15.91 11.52
C PRO C 117 -25.00 -16.37 10.69
N LYS C 118 -23.86 -16.60 11.36
CA LYS C 118 -22.66 -17.10 10.69
C LYS C 118 -22.95 -18.50 10.06
N SER C 119 -22.40 -18.76 8.88
CA SER C 119 -22.63 -20.00 8.13
C SER C 119 -21.28 -20.55 7.62
N SER C 120 -21.04 -21.85 7.83
CA SER C 120 -19.79 -22.48 7.43
C SER C 120 -19.80 -22.82 5.94
N PRO C 121 -18.65 -22.89 5.26
CA PRO C 121 -18.68 -23.18 3.81
C PRO C 121 -19.13 -24.59 3.47
N SER C 122 -19.76 -24.71 2.32
CA SER C 122 -20.15 -25.97 1.75
C SER C 122 -19.06 -26.26 0.65
N VAL C 123 -18.15 -27.21 0.94
CA VAL C 123 -17.03 -27.62 0.08
C VAL C 123 -17.32 -28.89 -0.77
N THR C 124 -16.96 -28.84 -2.08
CA THR C 124 -17.12 -29.95 -3.03
C THR C 124 -15.87 -29.98 -3.89
N LEU C 125 -15.21 -31.17 -3.96
CA LEU C 125 -13.97 -31.37 -4.71
C LEU C 125 -14.19 -32.28 -5.93
N PHE C 126 -13.77 -31.81 -7.10
CA PHE C 126 -13.94 -32.55 -8.35
C PHE C 126 -12.61 -32.98 -8.93
N PRO C 127 -12.50 -34.24 -9.37
CA PRO C 127 -11.25 -34.68 -10.01
C PRO C 127 -11.14 -34.17 -11.46
N PRO C 128 -9.96 -34.20 -12.14
CA PRO C 128 -9.94 -33.82 -13.57
C PRO C 128 -10.78 -34.82 -14.41
N SER C 129 -11.35 -34.34 -15.52
CA SER C 129 -12.13 -35.20 -16.42
C SER C 129 -11.13 -35.97 -17.28
N SER C 130 -11.56 -37.08 -17.91
CA SER C 130 -10.68 -37.87 -18.77
C SER C 130 -10.39 -37.14 -20.06
N GLU C 131 -11.36 -36.32 -20.54
CA GLU C 131 -11.25 -35.46 -21.73
C GLU C 131 -10.12 -34.44 -21.54
N GLU C 132 -10.06 -33.83 -20.33
CA GLU C 132 -8.97 -32.90 -20.02
C GLU C 132 -7.66 -33.64 -19.94
N LEU C 133 -7.60 -34.79 -19.24
CA LEU C 133 -6.38 -35.59 -19.12
C LEU C 133 -5.75 -35.93 -20.49
N GLU C 134 -6.59 -36.00 -21.56
CA GLU C 134 -6.17 -36.24 -22.96
C GLU C 134 -5.34 -35.08 -23.53
N THR C 135 -5.45 -33.87 -22.95
CA THR C 135 -4.68 -32.68 -23.34
C THR C 135 -3.38 -32.61 -22.52
N ASN C 136 -3.15 -33.60 -21.64
CA ASN C 136 -1.99 -33.75 -20.76
C ASN C 136 -1.97 -32.74 -19.61
N LYS C 137 -3.15 -32.23 -19.25
CA LYS C 137 -3.39 -31.29 -18.15
C LYS C 137 -4.46 -31.87 -17.25
N ALA C 138 -4.43 -31.51 -15.96
CA ALA C 138 -5.34 -32.02 -14.95
C ALA C 138 -5.70 -30.93 -13.94
N THR C 139 -6.95 -30.48 -13.97
CA THR C 139 -7.44 -29.45 -13.08
C THR C 139 -8.37 -30.03 -12.03
N LEU C 140 -8.07 -29.80 -10.77
CA LEU C 140 -8.94 -30.17 -9.69
C LEU C 140 -9.70 -28.90 -9.34
N VAL C 141 -11.03 -29.03 -9.17
CA VAL C 141 -11.93 -27.90 -8.91
C VAL C 141 -12.55 -28.08 -7.53
N CYS C 142 -12.42 -27.06 -6.69
CA CYS C 142 -12.97 -27.06 -5.35
C CYS C 142 -13.94 -25.90 -5.20
N THR C 143 -15.26 -26.22 -5.27
CA THR C 143 -16.34 -25.23 -5.13
C THR C 143 -16.63 -25.03 -3.67
N ILE C 144 -16.87 -23.76 -3.29
CA ILE C 144 -17.11 -23.36 -1.89
C ILE C 144 -18.36 -22.49 -1.89
N THR C 145 -19.44 -22.93 -1.23
CA THR C 145 -20.69 -22.15 -1.23
C THR C 145 -21.21 -21.89 0.16
N ASP C 146 -22.17 -20.93 0.27
CA ASP C 146 -22.93 -20.61 1.48
C ASP C 146 -22.10 -20.32 2.74
N PHE C 147 -21.07 -19.45 2.63
CA PHE C 147 -20.25 -19.06 3.80
C PHE C 147 -20.49 -17.61 4.13
N TYR C 148 -20.51 -17.31 5.43
CA TYR C 148 -20.79 -15.99 5.97
C TYR C 148 -20.17 -15.82 7.36
N PRO C 149 -19.28 -14.81 7.59
CA PRO C 149 -18.79 -13.77 6.66
C PRO C 149 -18.10 -14.31 5.40
N GLY C 150 -18.03 -13.48 4.35
CA GLY C 150 -17.45 -13.85 3.05
C GLY C 150 -15.95 -13.77 2.88
N VAL C 151 -15.22 -14.45 3.76
CA VAL C 151 -13.76 -14.52 3.77
C VAL C 151 -13.31 -15.97 4.01
N VAL C 152 -12.56 -16.53 3.07
CA VAL C 152 -12.02 -17.88 3.19
C VAL C 152 -10.56 -17.91 2.90
N THR C 153 -9.87 -18.93 3.46
CA THR C 153 -8.48 -19.23 3.17
C THR C 153 -8.52 -20.63 2.64
N VAL C 154 -8.00 -20.86 1.43
CA VAL C 154 -7.96 -22.22 0.94
C VAL C 154 -6.50 -22.64 0.76
N ASP C 155 -6.23 -23.86 1.22
CA ASP C 155 -4.92 -24.49 1.13
C ASP C 155 -5.16 -25.83 0.52
N TRP C 156 -4.32 -26.20 -0.45
CA TRP C 156 -4.38 -27.48 -1.15
C TRP C 156 -3.26 -28.33 -0.60
N LYS C 157 -3.50 -29.64 -0.50
CA LYS C 157 -2.49 -30.61 -0.07
C LYS C 157 -2.45 -31.72 -1.10
N VAL C 158 -1.23 -32.11 -1.49
CA VAL C 158 -0.96 -33.20 -2.44
C VAL C 158 -0.14 -34.24 -1.65
N ASP C 159 -0.75 -35.41 -1.34
CA ASP C 159 -0.12 -36.46 -0.50
C ASP C 159 0.34 -35.87 0.84
N GLY C 160 -0.51 -35.03 1.46
CA GLY C 160 -0.27 -34.33 2.71
C GLY C 160 0.85 -33.32 2.72
N THR C 161 1.27 -32.86 1.54
CA THR C 161 2.36 -31.88 1.46
C THR C 161 1.77 -30.55 1.01
N PRO C 162 2.35 -29.39 1.40
CA PRO C 162 1.76 -28.13 0.99
C PRO C 162 1.94 -27.80 -0.50
N VAL C 163 0.99 -27.00 -1.02
CA VAL C 163 0.98 -26.50 -2.40
C VAL C 163 1.05 -24.99 -2.32
N THR C 164 2.11 -24.39 -2.90
CA THR C 164 2.31 -22.93 -2.85
C THR C 164 2.28 -22.29 -4.24
N GLN C 165 2.34 -23.12 -5.29
CA GLN C 165 2.40 -22.71 -6.69
C GLN C 165 1.40 -23.51 -7.51
N GLY C 166 0.88 -22.88 -8.57
CA GLY C 166 -0.04 -23.54 -9.48
C GLY C 166 -1.47 -23.63 -9.00
N MET C 167 -1.79 -22.93 -7.90
CA MET C 167 -3.17 -22.83 -7.41
C MET C 167 -3.71 -21.43 -7.62
N GLU C 168 -5.01 -21.33 -7.94
CA GLU C 168 -5.73 -20.08 -8.13
C GLU C 168 -7.07 -20.10 -7.42
N THR C 169 -7.26 -19.14 -6.51
CA THR C 169 -8.49 -19.02 -5.75
C THR C 169 -9.23 -17.74 -6.15
N THR C 170 -10.50 -17.89 -6.40
CA THR C 170 -11.38 -16.82 -6.81
C THR C 170 -11.63 -15.89 -5.60
N GLN C 171 -11.99 -14.64 -5.87
CA GLN C 171 -12.44 -13.69 -4.86
C GLN C 171 -13.85 -14.18 -4.44
N PRO C 172 -14.26 -14.04 -3.14
CA PRO C 172 -15.63 -14.44 -2.78
C PRO C 172 -16.68 -13.58 -3.51
N SER C 173 -17.83 -14.18 -3.80
CA SER C 173 -18.88 -13.48 -4.52
C SER C 173 -20.19 -13.69 -3.79
N LYS C 174 -20.93 -12.59 -3.58
CA LYS C 174 -22.19 -12.63 -2.85
C LYS C 174 -23.25 -13.42 -3.63
N GLN C 175 -23.91 -14.38 -2.95
CA GLN C 175 -24.98 -15.26 -3.45
C GLN C 175 -26.31 -14.54 -3.35
N SER C 176 -27.41 -15.16 -3.84
CA SER C 176 -28.75 -14.56 -3.80
C SER C 176 -29.27 -14.39 -2.36
N ASN C 177 -28.94 -15.36 -1.48
CA ASN C 177 -29.30 -15.40 -0.05
C ASN C 177 -28.34 -14.57 0.85
N ASN C 178 -27.50 -13.70 0.24
CA ASN C 178 -26.54 -12.82 0.92
C ASN C 178 -25.37 -13.56 1.62
N LYS C 179 -25.20 -14.87 1.36
CA LYS C 179 -24.05 -15.65 1.84
C LYS C 179 -23.04 -15.58 0.68
N TYR C 180 -21.86 -16.21 0.81
CA TYR C 180 -20.84 -16.12 -0.23
C TYR C 180 -20.45 -17.43 -0.84
N MET C 181 -20.00 -17.36 -2.07
CA MET C 181 -19.46 -18.46 -2.85
C MET C 181 -18.04 -18.12 -3.37
N ALA C 182 -17.23 -19.15 -3.56
CA ALA C 182 -15.87 -19.03 -4.12
C ALA C 182 -15.52 -20.37 -4.74
N SER C 183 -14.50 -20.38 -5.56
CA SER C 183 -13.97 -21.55 -6.27
C SER C 183 -12.44 -21.56 -6.18
N SER C 184 -11.81 -22.75 -6.20
CA SER C 184 -10.35 -22.87 -6.19
C SER C 184 -9.89 -23.94 -7.14
N TYR C 185 -8.75 -23.67 -7.79
CA TYR C 185 -8.18 -24.53 -8.82
C TYR C 185 -6.77 -24.97 -8.56
N LEU C 186 -6.49 -26.24 -8.87
CA LEU C 186 -5.16 -26.80 -8.81
C LEU C 186 -4.87 -27.36 -10.20
N THR C 187 -3.98 -26.70 -10.96
CA THR C 187 -3.69 -27.20 -12.31
C THR C 187 -2.33 -27.89 -12.30
N LEU C 188 -2.31 -29.14 -12.78
CA LEU C 188 -1.13 -30.02 -12.88
C LEU C 188 -1.00 -30.56 -14.29
N THR C 189 0.14 -31.18 -14.60
CA THR C 189 0.30 -31.90 -15.87
C THR C 189 -0.40 -33.27 -15.62
N ALA C 190 -0.66 -34.05 -16.69
CA ALA C 190 -1.24 -35.40 -16.58
C ALA C 190 -0.21 -36.32 -15.88
N ARG C 191 1.10 -36.12 -16.17
CA ARG C 191 2.21 -36.84 -15.54
C ARG C 191 2.24 -36.60 -14.02
N ALA C 192 2.13 -35.33 -13.56
CA ALA C 192 2.09 -34.94 -12.14
C ALA C 192 0.89 -35.57 -11.41
N TRP C 193 -0.30 -35.59 -12.06
CA TRP C 193 -1.52 -36.18 -11.52
C TRP C 193 -1.32 -37.67 -11.26
N GLU C 194 -0.74 -38.36 -12.24
CA GLU C 194 -0.44 -39.78 -12.27
C GLU C 194 0.58 -40.24 -11.22
N ARG C 195 1.45 -39.33 -10.72
CA ARG C 195 2.45 -39.76 -9.75
C ARG C 195 2.04 -39.48 -8.28
N HIS C 196 0.92 -38.77 -8.04
CA HIS C 196 0.45 -38.53 -6.68
C HIS C 196 -0.88 -39.21 -6.48
N SER C 197 -1.20 -39.58 -5.24
CA SER C 197 -2.43 -40.33 -4.97
C SER C 197 -3.49 -39.57 -4.16
N SER C 198 -3.07 -38.79 -3.16
CA SER C 198 -3.95 -38.03 -2.29
C SER C 198 -3.99 -36.56 -2.68
N TYR C 199 -5.21 -35.99 -2.71
CA TYR C 199 -5.51 -34.61 -3.08
C TYR C 199 -6.55 -34.05 -2.17
N SER C 200 -6.28 -32.88 -1.56
CA SER C 200 -7.27 -32.26 -0.69
C SER C 200 -7.30 -30.73 -0.79
N CYS C 201 -8.54 -30.19 -0.74
CA CYS C 201 -8.92 -28.79 -0.71
C CYS C 201 -9.34 -28.51 0.75
N GLN C 202 -8.64 -27.59 1.41
CA GLN C 202 -8.87 -27.24 2.80
C GLN C 202 -9.29 -25.78 2.93
N VAL C 203 -10.50 -25.54 3.45
CA VAL C 203 -11.10 -24.21 3.54
C VAL C 203 -11.23 -23.75 5.00
N THR C 204 -10.47 -22.71 5.37
CA THR C 204 -10.52 -22.14 6.70
C THR C 204 -11.50 -20.97 6.68
N HIS C 205 -12.53 -21.05 7.52
CA HIS C 205 -13.55 -20.02 7.67
C HIS C 205 -13.82 -19.82 9.16
N GLU C 206 -13.63 -18.56 9.68
CA GLU C 206 -13.95 -18.20 11.07
C GLU C 206 -13.51 -19.28 12.05
N GLY C 207 -10.70 -19.82 11.41
CA GLY C 207 -10.43 -20.48 12.68
C GLY C 207 -10.85 -21.93 12.71
N HIS C 208 -11.90 -22.29 11.92
CA HIS C 208 -12.37 -23.65 11.73
C HIS C 208 -12.11 -24.05 10.27
N THR C 209 -11.55 -25.25 10.06
CA THR C 209 -11.19 -25.77 8.74
C THR C 209 -12.13 -26.87 8.26
N VAL C 210 -12.74 -26.67 7.06
CA VAL C 210 -13.59 -27.66 6.37
C VAL C 210 -12.72 -28.30 5.28
N GLU C 211 -12.71 -29.63 5.25
CA GLU C 211 -11.82 -30.34 4.35
C GLU C 211 -12.57 -31.31 3.42
N LYS C 212 -12.08 -31.45 2.18
CA LYS C 212 -12.59 -32.41 1.20
C LYS C 212 -11.38 -32.98 0.44
N SER C 213 -11.24 -34.30 0.43
CA SER C 213 -10.17 -35.02 -0.22
C SER C 213 -10.66 -36.06 -1.22
N LEU C 214 -9.78 -36.49 -2.11
CA LEU C 214 -10.06 -37.54 -3.10
C LEU C 214 -8.80 -38.37 -3.33
N SER C 215 -8.97 -39.54 -3.97
CA SER C 215 -7.89 -40.42 -4.36
C SER C 215 -7.95 -40.61 -5.88
N ARG C 216 -6.78 -40.64 -6.55
CA ARG C 216 -6.73 -40.74 -8.00
C ARG C 216 -7.50 -41.97 -8.57
N ALA C 217 -7.28 -43.19 -8.02
CA ALA C 217 -8.05 -44.34 -8.52
C ALA C 217 -9.48 -44.24 -7.96
N ASP C 218 -10.47 -44.00 -8.86
CA ASP C 218 -11.91 -43.83 -8.61
C ASP C 218 -12.66 -44.19 -9.89
#